data_5V8T
#
_entry.id   5V8T
#
_cell.length_a   60.640
_cell.length_b   32.500
_cell.length_c   99.350
_cell.angle_alpha   90.000
_cell.angle_beta   96.730
_cell.angle_gamma   90.000
#
_symmetry.space_group_name_H-M   'P 1 21 1'
#
loop_
_entity.id
_entity.type
_entity.pdbx_description
1 polymer 'Ubiquitin-like protein SMT3,Peptidyl-prolyl cis-trans isomerase'
2 non-polymer '2-{[3,5-bis(2-methoxyethoxy)benzene-1-carbonyl]amino}ethyl (2S)-1-(benzylsulfonyl)piperidine-2-carboxylate'
3 non-polymer 'FORMIC ACID'
4 non-polymer 'MAGNESIUM ION'
5 water water
#
_entity_poly.entity_id   1
_entity_poly.type   'polypeptide(L)'
_entity_poly.pdbx_seq_one_letter_code
;GHHHHHHSGEVKPEVKPETHINLKVSDGSSEIFFKIKKTTPLRRLMEAFAKRQGKEMDSLRFLYDGIRIQADQTPEDLDM
EDNDIIEAHREQIGGSTVVTTESGLKYEDLTEGSGAEARAGQTVSVHYTGWLTDGQKFDSSKDRNDPFAFVLGGGMVIKG
WDEGVQGMKVGGVRRLTIPPQLGYGARGAGGVIPPNATLVFEVELLDV
;
_entity_poly.pdbx_strand_id   A,B
#
loop_
_chem_comp.id
_chem_comp.type
_chem_comp.name
_chem_comp.formula
8ZV non-polymer '2-{[3,5-bis(2-methoxyethoxy)benzene-1-carbonyl]amino}ethyl (2S)-1-(benzylsulfonyl)piperidine-2-carboxylate' 'C28 H38 N2 O9 S'
FMT non-polymer 'FORMIC ACID' 'C H2 O2'
MG non-polymer 'MAGNESIUM ION' 'Mg 2'
#
# COMPACT_ATOMS: atom_id res chain seq x y z
N GLU A 18 -37.83 28.06 -18.22
CA GLU A 18 -37.22 26.92 -17.54
C GLU A 18 -37.58 26.90 -16.06
N THR A 19 -38.13 25.78 -15.60
CA THR A 19 -38.49 25.62 -14.20
C THR A 19 -37.40 24.98 -13.37
N HIS A 20 -36.42 24.33 -14.00
CA HIS A 20 -35.34 23.64 -13.30
C HIS A 20 -34.02 24.36 -13.55
N ILE A 21 -33.07 24.09 -12.66
CA ILE A 21 -31.75 24.72 -12.70
C ILE A 21 -30.70 23.67 -12.37
N ASN A 22 -29.56 23.75 -13.05
CA ASN A 22 -28.41 22.90 -12.76
C ASN A 22 -27.41 23.67 -11.91
N LEU A 23 -26.90 23.03 -10.86
CA LEU A 23 -25.96 23.65 -9.94
C LEU A 23 -24.81 22.69 -9.65
N LYS A 24 -23.60 23.24 -9.55
CA LYS A 24 -22.41 22.48 -9.19
C LYS A 24 -22.00 22.83 -7.77
N VAL A 25 -21.68 21.81 -6.97
CA VAL A 25 -21.16 21.99 -5.62
C VAL A 25 -19.73 21.46 -5.60
N SER A 26 -18.80 22.30 -5.16
CA SER A 26 -17.39 21.95 -5.02
C SER A 26 -16.97 22.11 -3.57
N ASP A 27 -16.19 21.16 -3.05
CA ASP A 27 -15.64 21.27 -1.70
C ASP A 27 -14.13 21.50 -1.72
N GLY A 28 -13.58 21.90 -2.86
CA GLY A 28 -12.15 22.06 -2.99
C GLY A 28 -11.41 20.78 -3.32
N SER A 29 -12.04 19.62 -3.13
CA SER A 29 -11.47 18.33 -3.46
C SER A 29 -12.12 17.70 -4.68
N SER A 30 -13.45 17.58 -4.68
CA SER A 30 -14.18 17.05 -5.82
C SER A 30 -15.40 17.93 -6.07
N GLU A 31 -16.21 17.53 -7.04
CA GLU A 31 -17.39 18.28 -7.43
C GLU A 31 -18.53 17.33 -7.74
N ILE A 32 -19.75 17.78 -7.45
CA ILE A 32 -20.98 17.06 -7.78
C ILE A 32 -21.95 18.04 -8.42
N PHE A 33 -22.68 17.58 -9.43
CA PHE A 33 -23.65 18.40 -10.16
C PHE A 33 -25.06 17.99 -9.78
N PHE A 34 -25.95 18.99 -9.63
CA PHE A 34 -27.33 18.76 -9.21
C PHE A 34 -28.31 19.48 -10.13
N LYS A 35 -29.42 18.81 -10.45
CA LYS A 35 -30.55 19.42 -11.14
C LYS A 35 -31.75 19.41 -10.20
N ILE A 36 -32.27 20.61 -9.90
CA ILE A 36 -33.38 20.78 -8.95
C ILE A 36 -34.32 21.85 -9.50
N LYS A 37 -35.54 21.85 -8.96
CA LYS A 37 -36.52 22.87 -9.31
C LYS A 37 -36.09 24.22 -8.75
N LYS A 38 -36.33 25.28 -9.51
CA LYS A 38 -35.92 26.62 -9.11
C LYS A 38 -36.62 27.10 -7.84
N THR A 39 -37.80 26.55 -7.53
CA THR A 39 -38.57 26.97 -6.37
C THR A 39 -38.39 26.03 -5.18
N THR A 40 -37.48 25.08 -5.28
CA THR A 40 -37.24 24.10 -4.23
C THR A 40 -36.17 24.61 -3.27
N PRO A 41 -36.38 24.52 -1.96
CA PRO A 41 -35.31 24.87 -1.01
C PRO A 41 -34.07 24.02 -1.25
N LEU A 42 -32.91 24.65 -1.06
CA LEU A 42 -31.62 24.01 -1.31
C LEU A 42 -31.26 22.94 -0.28
N ARG A 43 -32.06 22.77 0.78
CA ARG A 43 -31.75 21.79 1.82
C ARG A 43 -31.41 20.42 1.26
N ARG A 44 -32.25 19.89 0.36
CA ARG A 44 -32.02 18.54 -0.15
C ARG A 44 -30.71 18.46 -0.92
N LEU A 45 -30.41 19.47 -1.75
CA LEU A 45 -29.14 19.49 -2.46
C LEU A 45 -27.96 19.46 -1.49
N MET A 46 -28.05 20.23 -0.40
CA MET A 46 -26.95 20.30 0.57
C MET A 46 -26.74 18.97 1.27
N GLU A 47 -27.84 18.29 1.65
CA GLU A 47 -27.72 17.01 2.31
C GLU A 47 -27.24 15.92 1.35
N ALA A 48 -27.70 15.98 0.10
CA ALA A 48 -27.28 14.97 -0.88
C ALA A 48 -25.79 15.06 -1.16
N PHE A 49 -25.25 16.29 -1.21
CA PHE A 49 -23.81 16.44 -1.40
C PHE A 49 -23.05 15.87 -0.22
N ALA A 50 -23.51 16.14 1.00
CA ALA A 50 -22.80 15.67 2.19
C ALA A 50 -22.79 14.15 2.24
N LYS A 51 -23.93 13.52 1.92
CA LYS A 51 -24.02 12.07 1.98
C LYS A 51 -23.10 11.41 0.96
N ARG A 52 -23.07 11.95 -0.27
CA ARG A 52 -22.26 11.33 -1.32
C ARG A 52 -20.76 11.48 -1.08
N GLN A 53 -20.34 12.57 -0.46
CA GLN A 53 -18.93 12.75 -0.13
C GLN A 53 -18.53 12.20 1.22
N GLY A 54 -19.47 11.60 1.97
CA GLY A 54 -19.13 11.09 3.28
C GLY A 54 -18.82 12.15 4.31
N LYS A 55 -19.40 13.34 4.17
CA LYS A 55 -19.15 14.44 5.08
C LYS A 55 -20.45 14.94 5.71
N GLU A 56 -21.24 14.01 6.26
CA GLU A 56 -22.49 14.41 6.90
C GLU A 56 -22.24 14.93 8.32
N MET A 57 -21.42 14.24 9.10
CA MET A 57 -21.13 14.65 10.47
C MET A 57 -20.09 15.75 10.55
N ASP A 58 -19.54 16.20 9.41
CA ASP A 58 -18.50 17.22 9.40
C ASP A 58 -19.01 18.64 9.46
N SER A 59 -20.34 18.85 9.54
CA SER A 59 -20.91 20.18 9.64
C SER A 59 -20.42 21.06 8.50
N LEU A 60 -20.97 20.87 7.31
CA LEU A 60 -20.56 21.64 6.15
C LEU A 60 -21.30 22.97 6.08
N ARG A 61 -20.67 23.94 5.43
CA ARG A 61 -21.27 25.23 5.14
C ARG A 61 -21.23 25.44 3.64
N PHE A 62 -22.33 25.88 3.07
CA PHE A 62 -22.45 26.05 1.63
C PHE A 62 -22.54 27.54 1.32
N LEU A 63 -21.64 28.02 0.47
CA LEU A 63 -21.56 29.44 0.14
C LEU A 63 -21.88 29.65 -1.33
N TYR A 64 -22.64 30.71 -1.60
CA TYR A 64 -22.92 31.16 -2.95
C TYR A 64 -22.61 32.65 -2.99
N ASP A 65 -21.73 33.06 -3.91
CA ASP A 65 -21.26 34.44 -4.01
C ASP A 65 -20.70 34.93 -2.68
N GLY A 66 -20.15 34.01 -1.87
CA GLY A 66 -19.53 34.36 -0.62
C GLY A 66 -20.46 34.42 0.58
N ILE A 67 -21.76 34.17 0.40
CA ILE A 67 -22.74 34.28 1.47
C ILE A 67 -23.25 32.88 1.80
N ARG A 68 -23.29 32.54 3.09
CA ARG A 68 -23.75 31.21 3.50
C ARG A 68 -25.19 30.99 3.09
N ILE A 69 -25.47 29.80 2.56
CA ILE A 69 -26.81 29.42 2.15
C ILE A 69 -27.58 28.89 3.34
N GLN A 70 -28.82 29.32 3.50
CA GLN A 70 -29.73 28.73 4.46
C GLN A 70 -30.51 27.61 3.79
N ALA A 71 -30.82 26.57 4.57
CA ALA A 71 -31.46 25.38 4.01
C ALA A 71 -32.80 25.71 3.37
N ASP A 72 -33.54 26.66 3.96
CA ASP A 72 -34.87 27.00 3.46
C ASP A 72 -34.84 27.96 2.27
N GLN A 73 -33.68 28.32 1.75
CA GLN A 73 -33.59 29.24 0.62
C GLN A 73 -33.58 28.46 -0.69
N THR A 74 -34.26 28.99 -1.69
CA THR A 74 -34.35 28.42 -3.02
C THR A 74 -33.40 29.13 -3.96
N PRO A 75 -33.00 28.49 -5.07
CA PRO A 75 -32.21 29.20 -6.08
C PRO A 75 -32.90 30.46 -6.57
N GLU A 76 -34.24 30.47 -6.59
CA GLU A 76 -34.97 31.68 -6.92
C GLU A 76 -34.74 32.77 -5.89
N ASP A 77 -34.74 32.40 -4.60
CA ASP A 77 -34.45 33.37 -3.55
C ASP A 77 -33.09 34.01 -3.74
N LEU A 78 -32.11 33.23 -4.15
CA LEU A 78 -30.74 33.70 -4.31
C LEU A 78 -30.43 34.18 -5.72
N ASP A 79 -31.44 34.29 -6.58
CA ASP A 79 -31.26 34.73 -7.96
C ASP A 79 -30.16 33.95 -8.68
N MET A 80 -30.16 32.63 -8.46
CA MET A 80 -29.19 31.77 -9.11
C MET A 80 -29.53 31.56 -10.58
N GLU A 81 -28.49 31.42 -11.40
CA GLU A 81 -28.63 31.15 -12.81
C GLU A 81 -28.05 29.77 -13.10
N ASP A 82 -28.43 29.22 -14.26
CA ASP A 82 -28.04 27.86 -14.60
C ASP A 82 -26.52 27.70 -14.55
N ASN A 83 -26.08 26.56 -14.00
CA ASN A 83 -24.67 26.18 -13.86
C ASN A 83 -23.91 27.06 -12.87
N ASP A 84 -24.59 27.78 -11.99
CA ASP A 84 -23.89 28.46 -10.91
C ASP A 84 -23.19 27.45 -10.01
N ILE A 85 -22.22 27.94 -9.25
CA ILE A 85 -21.35 27.09 -8.44
C ILE A 85 -21.59 27.41 -6.96
N ILE A 86 -21.76 26.37 -6.16
CA ILE A 86 -21.86 26.48 -4.71
C ILE A 86 -20.59 25.89 -4.11
N GLU A 87 -19.94 26.64 -3.23
CA GLU A 87 -18.74 26.20 -2.55
C GLU A 87 -19.11 25.64 -1.18
N ALA A 88 -18.64 24.43 -0.88
CA ALA A 88 -18.91 23.79 0.40
C ALA A 88 -17.60 23.60 1.15
N HIS A 89 -17.65 23.75 2.47
CA HIS A 89 -16.46 23.52 3.27
C HIS A 89 -16.86 23.21 4.69
N ARG A 90 -16.00 22.47 5.37
CA ARG A 90 -16.16 22.24 6.80
C ARG A 90 -15.96 23.57 7.53
N GLU A 91 -16.83 23.83 8.51
CA GLU A 91 -16.72 25.09 9.25
C GLU A 91 -15.32 25.25 9.83
N GLN A 92 -14.67 26.36 9.53
CA GLN A 92 -13.31 26.60 9.96
C GLN A 92 -13.30 27.64 11.07
N ILE A 93 -12.93 27.21 12.28
CA ILE A 93 -12.72 28.16 13.36
C ILE A 93 -11.48 28.98 13.07
N GLY A 94 -11.63 30.30 13.08
CA GLY A 94 -10.53 31.18 12.73
C GLY A 94 -10.37 31.45 11.25
N GLY A 95 -11.28 30.96 10.42
CA GLY A 95 -11.22 31.20 8.99
C GLY A 95 -10.41 30.14 8.25
N SER A 96 -10.68 30.04 6.95
CA SER A 96 -9.94 29.09 6.14
C SER A 96 -8.51 29.56 5.95
N THR A 97 -7.55 28.64 6.06
CA THR A 97 -6.14 28.99 5.95
C THR A 97 -5.45 27.96 5.07
N VAL A 98 -4.94 28.39 3.93
CA VAL A 98 -4.17 27.52 3.04
C VAL A 98 -2.69 27.85 3.27
N VAL A 99 -1.92 26.84 3.64
CA VAL A 99 -0.50 27.01 3.95
C VAL A 99 0.31 26.49 2.77
N THR A 100 1.23 27.32 2.29
CA THR A 100 2.18 26.93 1.25
C THR A 100 3.57 26.90 1.87
N THR A 101 4.23 25.76 1.80
CA THR A 101 5.56 25.62 2.39
C THR A 101 6.63 26.04 1.38
N GLU A 102 7.88 26.07 1.87
CA GLU A 102 8.99 26.47 1.03
C GLU A 102 9.11 25.62 -0.23
N SER A 103 8.78 24.34 -0.13
CA SER A 103 8.91 23.41 -1.25
C SER A 103 7.82 23.58 -2.30
N GLY A 104 6.76 24.35 -2.02
CA GLY A 104 5.62 24.43 -2.90
C GLY A 104 4.45 23.55 -2.49
N LEU A 105 4.64 22.66 -1.53
CA LEU A 105 3.52 21.91 -0.97
C LEU A 105 2.50 22.86 -0.37
N LYS A 106 1.22 22.55 -0.57
CA LYS A 106 0.14 23.24 0.09
C LYS A 106 -0.62 22.27 0.99
N TYR A 107 -1.00 22.72 2.18
CA TYR A 107 -1.84 21.91 3.05
C TYR A 107 -2.86 22.80 3.72
N GLU A 108 -3.96 22.17 4.15
CA GLU A 108 -5.05 22.88 4.79
C GLU A 108 -5.63 21.97 5.85
N ASP A 109 -5.62 22.43 7.09
CA ASP A 109 -6.13 21.62 8.20
C ASP A 109 -7.65 21.78 8.22
N LEU A 110 -8.35 20.84 7.60
CA LEU A 110 -9.81 20.88 7.60
C LEU A 110 -10.35 20.63 9.00
N THR A 111 -9.70 19.72 9.73
CA THR A 111 -9.99 19.46 11.13
C THR A 111 -8.64 19.31 11.82
N GLU A 112 -8.39 20.14 12.84
CA GLU A 112 -7.18 19.98 13.63
C GLU A 112 -7.40 18.86 14.64
N GLY A 113 -6.50 17.88 14.65
CA GLY A 113 -6.61 16.80 15.60
C GLY A 113 -6.27 17.24 17.01
N SER A 114 -6.79 16.49 17.98
CA SER A 114 -6.50 16.79 19.38
C SER A 114 -5.50 15.82 20.00
N GLY A 115 -5.07 14.79 19.28
CA GLY A 115 -4.21 13.77 19.82
C GLY A 115 -2.74 14.06 19.63
N ALA A 116 -1.93 13.01 19.75
CA ALA A 116 -0.49 13.17 19.62
C ALA A 116 -0.11 13.57 18.21
N GLU A 117 1.03 14.24 18.09
CA GLU A 117 1.50 14.80 16.81
C GLU A 117 2.39 13.78 16.10
N ALA A 118 2.18 13.66 14.79
CA ALA A 118 2.97 12.74 13.97
C ALA A 118 4.33 13.35 13.62
N ARG A 119 5.39 12.57 13.81
CA ARG A 119 6.75 13.01 13.53
C ARG A 119 7.49 11.91 12.77
N ALA A 120 8.55 12.32 12.08
CA ALA A 120 9.37 11.39 11.29
C ALA A 120 9.86 10.22 12.13
N GLY A 121 9.79 9.02 11.54
CA GLY A 121 10.21 7.79 12.19
C GLY A 121 9.07 6.98 12.77
N GLN A 122 7.90 7.58 12.96
CA GLN A 122 6.74 6.86 13.46
C GLN A 122 6.02 6.13 12.34
N THR A 123 5.44 4.98 12.68
CA THR A 123 4.54 4.25 11.80
C THR A 123 3.13 4.80 12.04
N VAL A 124 2.64 5.61 11.12
CA VAL A 124 1.34 6.24 11.27
C VAL A 124 0.32 5.50 10.42
N SER A 125 -0.96 5.61 10.80
CA SER A 125 -2.06 4.99 10.09
C SER A 125 -3.06 6.06 9.70
N VAL A 126 -3.49 6.05 8.44
CA VAL A 126 -4.38 7.08 7.92
C VAL A 126 -5.48 6.46 7.09
N HIS A 127 -6.55 7.24 6.91
CA HIS A 127 -7.48 7.08 5.81
C HIS A 127 -7.26 8.23 4.84
N TYR A 128 -7.34 7.94 3.55
CA TYR A 128 -7.06 8.95 2.55
C TYR A 128 -7.93 8.72 1.34
N THR A 129 -8.20 9.82 0.63
CA THR A 129 -8.70 9.79 -0.73
C THR A 129 -7.84 10.72 -1.55
N GLY A 130 -7.52 10.33 -2.78
CA GLY A 130 -6.73 11.18 -3.66
C GLY A 130 -7.48 11.55 -4.92
N TRP A 131 -7.44 12.82 -5.31
CA TRP A 131 -8.08 13.30 -6.52
C TRP A 131 -7.08 14.02 -7.41
N LEU A 132 -7.32 13.98 -8.72
CA LEU A 132 -6.63 14.90 -9.61
C LEU A 132 -7.24 16.29 -9.46
N THR A 133 -6.59 17.30 -10.04
CA THR A 133 -7.09 18.67 -9.90
C THR A 133 -8.42 18.88 -10.61
N ASP A 134 -8.77 18.04 -11.58
CA ASP A 134 -10.06 18.14 -12.25
C ASP A 134 -11.17 17.44 -11.47
N GLY A 135 -10.90 16.96 -10.26
CA GLY A 135 -11.91 16.34 -9.43
C GLY A 135 -12.04 14.84 -9.57
N GLN A 136 -11.30 14.21 -10.47
CA GLN A 136 -11.41 12.77 -10.63
C GLN A 136 -10.63 12.06 -9.52
N LYS A 137 -11.34 11.24 -8.75
CA LYS A 137 -10.71 10.40 -7.74
C LYS A 137 -9.86 9.33 -8.40
N PHE A 138 -8.63 9.14 -7.90
CA PHE A 138 -7.80 8.05 -8.41
C PHE A 138 -7.57 6.92 -7.41
N ASP A 139 -7.76 7.16 -6.12
CA ASP A 139 -7.66 6.08 -5.14
C ASP A 139 -8.21 6.57 -3.81
N SER A 140 -8.69 5.63 -2.99
CA SER A 140 -9.17 5.94 -1.66
C SER A 140 -9.06 4.70 -0.78
N SER A 141 -8.39 4.83 0.36
CA SER A 141 -8.36 3.73 1.32
C SER A 141 -9.73 3.50 1.93
N LYS A 142 -10.58 4.54 1.99
CA LYS A 142 -11.93 4.38 2.51
C LYS A 142 -12.77 3.49 1.62
N ASP A 143 -12.54 3.50 0.30
CA ASP A 143 -13.26 2.62 -0.59
C ASP A 143 -12.98 1.15 -0.32
N ARG A 144 -11.86 0.84 0.31
CA ARG A 144 -11.51 -0.53 0.64
C ARG A 144 -11.72 -0.86 2.11
N ASN A 145 -12.24 0.09 2.90
CA ASN A 145 -12.35 -0.07 4.35
C ASN A 145 -11.03 -0.56 4.94
N ASP A 146 -9.93 0.02 4.47
CA ASP A 146 -8.59 -0.46 4.80
C ASP A 146 -7.67 0.72 5.10
N PRO A 147 -7.45 1.04 6.37
CA PRO A 147 -6.48 2.08 6.71
C PRO A 147 -5.10 1.81 6.12
N PHE A 148 -4.38 2.88 5.81
CA PHE A 148 -3.08 2.83 5.17
C PHE A 148 -2.01 3.27 6.15
N ALA A 149 -1.01 2.42 6.35
CA ALA A 149 0.10 2.72 7.26
C ALA A 149 1.40 2.87 6.49
N PHE A 150 2.25 3.79 6.96
CA PHE A 150 3.59 3.98 6.40
C PHE A 150 4.47 4.62 7.47
N VAL A 151 5.78 4.43 7.32
CA VAL A 151 6.75 5.02 8.21
C VAL A 151 6.99 6.46 7.76
N LEU A 152 6.58 7.42 8.58
CA LEU A 152 6.68 8.84 8.23
C LEU A 152 8.13 9.26 8.07
N GLY A 153 8.41 10.00 6.99
CA GLY A 153 9.73 10.50 6.72
C GLY A 153 10.72 9.50 6.15
N GLY A 154 10.27 8.30 5.80
CA GLY A 154 11.18 7.27 5.34
C GLY A 154 11.38 7.17 3.86
N GLY A 155 10.77 8.05 3.06
CA GLY A 155 10.87 7.91 1.62
C GLY A 155 10.05 6.78 1.03
N MET A 156 9.12 6.21 1.79
CA MET A 156 8.27 5.13 1.30
C MET A 156 7.01 5.63 0.60
N VAL A 157 6.73 6.93 0.68
CA VAL A 157 5.60 7.54 0.00
C VAL A 157 6.15 8.74 -0.76
N ILE A 158 5.28 9.38 -1.56
CA ILE A 158 5.70 10.55 -2.30
C ILE A 158 6.12 11.64 -1.32
N LYS A 159 7.01 12.53 -1.79
CA LYS A 159 7.61 13.52 -0.91
C LYS A 159 6.56 14.44 -0.27
N GLY A 160 5.48 14.74 -0.99
CA GLY A 160 4.46 15.61 -0.44
C GLY A 160 3.77 15.01 0.77
N TRP A 161 3.71 13.68 0.84
CA TRP A 161 3.13 13.01 2.01
C TRP A 161 4.08 13.03 3.20
N ASP A 162 5.36 12.72 2.98
CA ASP A 162 6.33 12.77 4.08
C ASP A 162 6.38 14.17 4.69
N GLU A 163 6.27 15.20 3.85
CA GLU A 163 6.30 16.57 4.35
C GLU A 163 4.96 16.99 4.94
N GLY A 164 3.86 16.62 4.27
CA GLY A 164 2.56 17.15 4.66
C GLY A 164 1.90 16.42 5.81
N VAL A 165 2.19 15.13 5.98
CA VAL A 165 1.58 14.39 7.08
C VAL A 165 2.26 14.72 8.41
N GLN A 166 3.54 15.08 8.37
CA GLN A 166 4.23 15.51 9.57
C GLN A 166 3.52 16.70 10.19
N GLY A 167 3.37 16.68 11.51
CA GLY A 167 2.70 17.75 12.20
C GLY A 167 1.21 17.56 12.39
N MET A 168 0.60 16.63 11.66
CA MET A 168 -0.80 16.30 11.92
C MET A 168 -0.93 15.71 13.32
N LYS A 169 -2.09 15.94 13.93
CA LYS A 169 -2.42 15.36 15.22
C LYS A 169 -3.48 14.28 15.03
N VAL A 170 -3.46 13.28 15.91
CA VAL A 170 -4.40 12.16 15.79
C VAL A 170 -5.83 12.69 15.89
N GLY A 171 -6.65 12.32 14.90
CA GLY A 171 -7.97 12.87 14.75
C GLY A 171 -8.09 13.97 13.72
N GLY A 172 -6.96 14.47 13.21
CA GLY A 172 -7.00 15.56 12.26
C GLY A 172 -7.29 15.11 10.84
N VAL A 173 -7.84 16.04 10.07
CA VAL A 173 -8.05 15.86 8.64
C VAL A 173 -7.32 17.00 7.93
N ARG A 174 -6.37 16.64 7.08
CA ARG A 174 -5.53 17.61 6.39
C ARG A 174 -5.63 17.37 4.89
N ARG A 175 -5.84 18.45 4.13
CA ARG A 175 -5.87 18.37 2.68
C ARG A 175 -4.51 18.81 2.13
N LEU A 176 -3.86 17.93 1.39
CA LEU A 176 -2.58 18.20 0.76
C LEU A 176 -2.79 18.46 -0.73
N THR A 177 -2.20 19.54 -1.23
CA THR A 177 -2.12 19.83 -2.66
C THR A 177 -0.66 19.72 -3.07
N ILE A 178 -0.32 18.68 -3.81
CA ILE A 178 1.06 18.25 -4.01
C ILE A 178 1.45 18.56 -5.46
N PRO A 179 2.42 19.44 -5.69
CA PRO A 179 2.88 19.69 -7.07
C PRO A 179 3.57 18.47 -7.64
N PRO A 180 3.70 18.37 -8.97
CA PRO A 180 4.17 17.11 -9.56
C PRO A 180 5.55 16.67 -9.09
N GLN A 181 6.50 17.60 -8.90
CA GLN A 181 7.84 17.21 -8.49
C GLN A 181 7.88 16.67 -7.06
N LEU A 182 6.83 16.87 -6.27
CA LEU A 182 6.70 16.24 -4.97
C LEU A 182 5.74 15.06 -5.00
N GLY A 183 5.25 14.69 -6.19
CA GLY A 183 4.38 13.54 -6.35
C GLY A 183 5.02 12.49 -7.23
N TYR A 184 4.43 12.23 -8.40
CA TYR A 184 4.97 11.22 -9.32
C TYR A 184 5.67 11.81 -10.53
N GLY A 185 5.78 13.14 -10.61
CA GLY A 185 6.61 13.77 -11.63
C GLY A 185 6.19 13.41 -13.04
N ALA A 186 7.20 13.21 -13.90
CA ALA A 186 6.96 12.95 -15.31
C ALA A 186 6.42 11.54 -15.57
N ARG A 187 6.51 10.64 -14.60
CA ARG A 187 6.13 9.25 -14.88
C ARG A 187 4.63 9.02 -14.72
N GLY A 188 4.01 9.66 -13.73
CA GLY A 188 2.68 9.28 -13.34
C GLY A 188 2.72 7.98 -12.54
N ALA A 189 1.54 7.39 -12.36
CA ALA A 189 1.43 6.23 -11.48
C ALA A 189 0.13 5.47 -11.72
N GLY A 190 0.21 4.15 -11.64
CA GLY A 190 -0.94 3.27 -11.56
C GLY A 190 -1.85 3.28 -12.77
N GLY A 191 -1.36 3.73 -13.92
CA GLY A 191 -2.19 3.79 -15.10
C GLY A 191 -3.38 4.70 -14.97
N VAL A 192 -3.36 5.66 -14.05
CA VAL A 192 -4.48 6.59 -13.88
C VAL A 192 -3.94 8.00 -13.66
N ILE A 193 -2.85 8.13 -12.91
CA ILE A 193 -2.23 9.44 -12.66
C ILE A 193 -1.30 9.78 -13.81
N PRO A 194 -1.60 10.83 -14.57
CA PRO A 194 -0.80 11.15 -15.76
C PRO A 194 0.49 11.85 -15.39
N PRO A 195 1.41 12.02 -16.36
CA PRO A 195 2.59 12.84 -16.12
C PRO A 195 2.24 14.25 -15.69
N ASN A 196 3.10 14.85 -14.87
CA ASN A 196 3.03 16.25 -14.48
C ASN A 196 1.74 16.58 -13.72
N ALA A 197 1.22 15.62 -12.98
CA ALA A 197 -0.06 15.77 -12.29
C ALA A 197 0.12 16.39 -10.91
N THR A 198 -0.63 17.44 -10.65
CA THR A 198 -0.82 17.93 -9.28
C THR A 198 -1.85 17.06 -8.57
N LEU A 199 -1.51 16.58 -7.38
CA LEU A 199 -2.34 15.65 -6.64
C LEU A 199 -3.02 16.35 -5.47
N VAL A 200 -4.27 15.99 -5.20
CA VAL A 200 -5.02 16.50 -4.05
C VAL A 200 -5.41 15.31 -3.18
N PHE A 201 -4.99 15.33 -1.91
CA PHE A 201 -5.31 14.30 -0.95
C PHE A 201 -6.03 14.89 0.26
N GLU A 202 -7.03 14.18 0.76
CA GLU A 202 -7.54 14.42 2.11
C GLU A 202 -7.08 13.25 2.98
N VAL A 203 -6.39 13.56 4.07
CA VAL A 203 -5.76 12.56 4.93
C VAL A 203 -6.31 12.73 6.34
N GLU A 204 -6.84 11.65 6.89
CA GLU A 204 -7.27 11.60 8.29
C GLU A 204 -6.31 10.74 9.09
N LEU A 205 -5.70 11.32 10.12
CA LEU A 205 -4.70 10.60 10.91
C LEU A 205 -5.41 9.73 11.95
N LEU A 206 -5.26 8.42 11.83
CA LEU A 206 -5.98 7.49 12.70
C LEU A 206 -5.15 7.10 13.92
N ASP A 207 -3.84 6.94 13.75
CA ASP A 207 -2.97 6.65 14.87
C ASP A 207 -1.53 7.00 14.46
N VAL A 208 -0.68 7.18 15.47
CA VAL A 208 0.74 7.42 15.24
C VAL A 208 1.58 6.36 15.94
N GLU B 18 45.61 -23.49 5.55
CA GLU B 18 44.44 -22.63 5.61
C GLU B 18 43.42 -23.14 6.62
N THR B 19 43.20 -22.36 7.68
CA THR B 19 42.27 -22.75 8.74
C THR B 19 40.83 -22.35 8.45
N HIS B 20 40.61 -21.43 7.50
CA HIS B 20 39.28 -20.98 7.14
C HIS B 20 38.95 -21.44 5.72
N ILE B 21 37.66 -21.46 5.43
CA ILE B 21 37.15 -21.98 4.17
C ILE B 21 36.05 -21.07 3.65
N ASN B 22 36.02 -20.87 2.34
CA ASN B 22 34.94 -20.14 1.70
C ASN B 22 33.95 -21.15 1.13
N LEU B 23 32.66 -20.88 1.34
CA LEU B 23 31.60 -21.77 0.88
C LEU B 23 30.51 -20.94 0.21
N LYS B 24 29.98 -21.49 -0.88
CA LYS B 24 28.88 -20.88 -1.60
C LYS B 24 27.61 -21.69 -1.32
N VAL B 25 26.54 -20.99 -0.98
CA VAL B 25 25.24 -21.61 -0.74
C VAL B 25 24.28 -21.17 -1.83
N SER B 26 23.66 -22.15 -2.50
CA SER B 26 22.73 -21.90 -3.58
C SER B 26 21.36 -22.49 -3.24
N ASP B 27 20.31 -21.73 -3.53
CA ASP B 27 18.93 -22.17 -3.39
C ASP B 27 18.27 -22.39 -4.75
N GLY B 28 19.07 -22.55 -5.80
CA GLY B 28 18.58 -22.70 -7.15
C GLY B 28 18.32 -21.42 -7.90
N SER B 29 18.22 -20.29 -7.20
CA SER B 29 18.00 -18.98 -7.81
C SER B 29 19.24 -18.10 -7.74
N SER B 30 19.83 -17.95 -6.57
CA SER B 30 21.01 -17.12 -6.37
C SER B 30 22.05 -17.91 -5.59
N GLU B 31 23.17 -17.23 -5.29
CA GLU B 31 24.27 -17.83 -4.55
C GLU B 31 24.74 -16.82 -3.53
N ILE B 32 25.14 -17.32 -2.36
CA ILE B 32 25.62 -16.48 -1.27
C ILE B 32 26.95 -17.04 -0.80
N PHE B 33 27.90 -16.15 -0.51
CA PHE B 33 29.24 -16.55 -0.11
C PHE B 33 29.44 -16.38 1.38
N PHE B 34 30.05 -17.40 1.99
CA PHE B 34 30.32 -17.42 3.43
C PHE B 34 31.77 -17.81 3.65
N LYS B 35 32.40 -17.15 4.61
CA LYS B 35 33.73 -17.52 5.08
C LYS B 35 33.58 -17.99 6.52
N ILE B 36 34.01 -19.23 6.79
CA ILE B 36 33.85 -19.82 8.11
C ILE B 36 35.11 -20.61 8.45
N LYS B 37 35.37 -20.76 9.74
CA LYS B 37 36.48 -21.58 10.19
C LYS B 37 36.16 -23.05 9.95
N LYS B 38 37.17 -23.83 9.59
CA LYS B 38 36.95 -25.23 9.28
C LYS B 38 36.43 -26.02 10.48
N THR B 39 36.69 -25.55 11.70
CA THR B 39 36.27 -26.24 12.92
C THR B 39 35.00 -25.66 13.51
N THR B 40 34.36 -24.72 12.82
CA THR B 40 33.13 -24.11 13.34
C THR B 40 31.93 -24.93 12.88
N PRO B 41 30.99 -25.25 13.77
CA PRO B 41 29.78 -25.98 13.36
C PRO B 41 29.04 -25.23 12.27
N LEU B 42 28.48 -26.00 11.32
CA LEU B 42 27.81 -25.38 10.20
C LEU B 42 26.49 -24.73 10.60
N ARG B 43 26.04 -24.96 11.83
CA ARG B 43 24.86 -24.27 12.35
C ARG B 43 24.97 -22.77 12.13
N ARG B 44 26.14 -22.20 12.38
CA ARG B 44 26.34 -20.76 12.21
C ARG B 44 26.12 -20.35 10.76
N LEU B 45 26.66 -21.10 9.81
CA LEU B 45 26.39 -20.81 8.41
C LEU B 45 24.92 -20.99 8.08
N MET B 46 24.30 -22.05 8.62
CA MET B 46 22.89 -22.31 8.34
C MET B 46 22.00 -21.23 8.92
N GLU B 47 22.33 -20.76 10.13
CA GLU B 47 21.54 -19.69 10.73
C GLU B 47 21.77 -18.37 10.00
N ALA B 48 23.00 -18.14 9.54
CA ALA B 48 23.29 -16.89 8.83
C ALA B 48 22.55 -16.84 7.50
N PHE B 49 22.47 -17.97 6.79
CA PHE B 49 21.71 -17.99 5.55
C PHE B 49 20.23 -17.75 5.78
N ALA B 50 19.66 -18.41 6.80
CA ALA B 50 18.24 -18.27 7.08
C ALA B 50 17.90 -16.87 7.60
N LYS B 51 18.73 -16.32 8.49
CA LYS B 51 18.44 -15.02 9.08
C LYS B 51 18.47 -13.92 8.04
N ARG B 52 19.38 -13.98 7.07
CA ARG B 52 19.41 -12.94 6.05
C ARG B 52 18.13 -12.97 5.21
N GLN B 53 17.48 -14.14 5.12
CA GLN B 53 16.17 -14.25 4.51
C GLN B 53 15.05 -13.97 5.50
N GLY B 54 15.39 -13.66 6.75
CA GLY B 54 14.40 -13.41 7.78
C GLY B 54 13.64 -14.64 8.22
N LYS B 55 14.23 -15.83 8.07
CA LYS B 55 13.60 -17.08 8.45
C LYS B 55 14.48 -17.85 9.43
N GLU B 56 13.87 -18.78 10.14
CA GLU B 56 14.64 -19.68 11.00
C GLU B 56 15.20 -20.84 10.20
N MET B 57 16.28 -21.42 10.71
CA MET B 57 16.93 -22.51 9.99
C MET B 57 16.20 -23.84 10.13
N ASP B 58 15.11 -23.90 10.90
CA ASP B 58 14.40 -25.15 11.06
C ASP B 58 13.40 -25.39 9.94
N SER B 59 13.31 -24.46 8.98
CA SER B 59 12.45 -24.63 7.81
C SER B 59 13.26 -24.95 6.56
N LEU B 60 14.53 -24.59 6.54
CA LEU B 60 15.42 -24.86 5.42
C LEU B 60 16.09 -26.22 5.58
N ARG B 61 16.48 -26.81 4.45
CA ARG B 61 17.28 -28.02 4.43
C ARG B 61 18.55 -27.73 3.62
N PHE B 62 19.70 -28.10 4.19
CA PHE B 62 20.99 -27.84 3.57
C PHE B 62 21.64 -29.16 3.16
N LEU B 63 22.01 -29.27 1.89
CA LEU B 63 22.58 -30.48 1.32
C LEU B 63 24.01 -30.21 0.89
N TYR B 64 24.90 -31.16 1.19
CA TYR B 64 26.27 -31.12 0.69
C TYR B 64 26.59 -32.48 0.07
N ASP B 65 27.00 -32.46 -1.20
CA ASP B 65 27.26 -33.69 -1.96
C ASP B 65 26.05 -34.64 -1.93
N GLY B 66 24.85 -34.07 -1.79
CA GLY B 66 23.63 -34.84 -1.80
C GLY B 66 23.19 -35.35 -0.44
N ILE B 67 23.94 -35.10 0.62
CA ILE B 67 23.64 -35.58 1.96
C ILE B 67 23.30 -34.40 2.84
N ARG B 68 22.22 -34.51 3.60
CA ARG B 68 21.78 -33.43 4.48
C ARG B 68 22.84 -33.13 5.54
N ILE B 69 23.07 -31.83 5.76
CA ILE B 69 24.02 -31.38 6.77
C ILE B 69 23.31 -31.31 8.12
N GLN B 70 23.96 -31.82 9.15
CA GLN B 70 23.49 -31.63 10.51
C GLN B 70 24.15 -30.39 11.11
N ALA B 71 23.40 -29.69 11.97
CA ALA B 71 23.86 -28.41 12.50
C ALA B 71 25.17 -28.56 13.28
N ASP B 72 25.34 -29.67 13.98
CA ASP B 72 26.52 -29.89 14.81
C ASP B 72 27.74 -30.34 14.01
N GLN B 73 27.64 -30.45 12.69
CA GLN B 73 28.76 -30.86 11.86
C GLN B 73 29.54 -29.64 11.37
N THR B 74 30.86 -29.79 11.34
CA THR B 74 31.78 -28.78 10.88
C THR B 74 32.23 -29.07 9.45
N PRO B 75 32.71 -28.06 8.71
CA PRO B 75 33.28 -28.34 7.39
C PRO B 75 34.41 -29.34 7.43
N GLU B 76 35.18 -29.37 8.53
CA GLU B 76 36.23 -30.37 8.69
C GLU B 76 35.66 -31.77 8.80
N ASP B 77 34.57 -31.93 9.57
CA ASP B 77 33.93 -33.24 9.67
C ASP B 77 33.53 -33.79 8.30
N LEU B 78 33.02 -32.92 7.43
CA LEU B 78 32.54 -33.32 6.12
C LEU B 78 33.61 -33.22 5.05
N ASP B 79 34.86 -32.96 5.44
CA ASP B 79 35.98 -32.84 4.50
C ASP B 79 35.66 -31.84 3.39
N MET B 80 35.08 -30.71 3.76
CA MET B 80 34.76 -29.68 2.79
C MET B 80 36.04 -28.96 2.35
N GLU B 81 36.08 -28.57 1.08
CA GLU B 81 37.20 -27.85 0.51
C GLU B 81 36.77 -26.46 0.09
N ASP B 82 37.76 -25.60 -0.13
CA ASP B 82 37.49 -24.20 -0.46
C ASP B 82 36.59 -24.09 -1.68
N ASN B 83 35.62 -23.17 -1.59
CA ASN B 83 34.68 -22.84 -2.66
C ASN B 83 33.71 -23.97 -2.97
N ASP B 84 33.54 -24.93 -2.07
CA ASP B 84 32.51 -25.96 -2.23
C ASP B 84 31.12 -25.32 -2.20
N ILE B 85 30.14 -26.06 -2.72
CA ILE B 85 28.77 -25.58 -2.88
C ILE B 85 27.86 -26.36 -1.96
N ILE B 86 27.03 -25.64 -1.20
CA ILE B 86 25.99 -26.21 -0.35
C ILE B 86 24.64 -25.87 -0.95
N GLU B 87 23.79 -26.87 -1.14
CA GLU B 87 22.47 -26.66 -1.72
C GLU B 87 21.45 -26.49 -0.60
N ALA B 88 20.69 -25.39 -0.66
CA ALA B 88 19.65 -25.08 0.32
C ALA B 88 18.30 -25.03 -0.37
N HIS B 89 17.26 -25.45 0.36
CA HIS B 89 15.90 -25.32 -0.15
C HIS B 89 14.91 -25.35 1.02
N ARG B 90 13.80 -24.65 0.84
CA ARG B 90 12.73 -24.68 1.82
C ARG B 90 12.05 -26.05 1.86
N GLU B 91 11.78 -26.53 3.07
CA GLU B 91 11.17 -27.85 3.26
C GLU B 91 10.11 -27.76 4.35
N GLN B 92 8.93 -28.31 4.05
CA GLN B 92 7.78 -28.28 4.95
C GLN B 92 7.63 -29.67 5.56
N ILE B 93 7.61 -29.73 6.89
CA ILE B 93 7.39 -30.99 7.57
C ILE B 93 6.01 -31.53 7.21
N GLY B 94 5.97 -32.79 6.79
CA GLY B 94 4.76 -33.39 6.29
C GLY B 94 4.55 -33.26 4.80
N GLY B 95 5.53 -32.73 4.07
CA GLY B 95 5.45 -32.62 2.64
C GLY B 95 4.86 -31.30 2.15
N SER B 96 5.18 -30.97 0.90
CA SER B 96 4.74 -29.75 0.26
C SER B 96 4.90 -29.93 -1.24
N THR B 97 3.97 -29.35 -2.00
CA THR B 97 3.93 -29.51 -3.45
C THR B 97 3.82 -28.15 -4.10
N VAL B 98 4.70 -27.90 -5.07
CA VAL B 98 4.72 -26.64 -5.82
C VAL B 98 3.97 -26.85 -7.14
N VAL B 99 2.98 -25.99 -7.39
CA VAL B 99 2.17 -26.05 -8.59
C VAL B 99 2.65 -24.96 -9.54
N THR B 100 2.88 -25.34 -10.80
CA THR B 100 3.25 -24.39 -11.84
C THR B 100 2.05 -24.24 -12.78
N THR B 101 1.59 -23.01 -12.94
CA THR B 101 0.42 -22.72 -13.77
C THR B 101 0.84 -22.46 -15.21
N GLU B 102 -0.15 -22.33 -16.09
CA GLU B 102 0.10 -22.07 -17.50
C GLU B 102 0.87 -20.76 -17.70
N SER B 103 0.63 -19.77 -16.84
CA SER B 103 1.29 -18.47 -16.97
C SER B 103 2.74 -18.49 -16.52
N GLY B 104 3.20 -19.57 -15.88
CA GLY B 104 4.52 -19.62 -15.30
C GLY B 104 4.58 -19.31 -13.82
N LEU B 105 3.49 -18.81 -13.25
CA LEU B 105 3.41 -18.63 -11.81
C LEU B 105 3.56 -19.97 -11.09
N LYS B 106 4.28 -19.95 -9.97
CA LYS B 106 4.36 -21.10 -9.07
C LYS B 106 3.75 -20.71 -7.73
N TYR B 107 3.01 -21.65 -7.13
CA TYR B 107 2.49 -21.40 -5.79
C TYR B 107 2.58 -22.66 -4.95
N GLU B 108 2.62 -22.46 -3.63
CA GLU B 108 2.76 -23.54 -2.65
C GLU B 108 1.94 -23.19 -1.43
N ASP B 109 0.96 -24.03 -1.10
CA ASP B 109 0.08 -23.80 0.04
C ASP B 109 0.76 -24.28 1.32
N LEU B 110 1.33 -23.33 2.07
CA LEU B 110 2.00 -23.67 3.33
C LEU B 110 0.97 -24.06 4.39
N THR B 111 -0.18 -23.40 4.42
CA THR B 111 -1.26 -23.69 5.33
C THR B 111 -2.57 -23.65 4.57
N GLU B 112 -3.35 -24.73 4.65
CA GLU B 112 -4.67 -24.75 4.04
C GLU B 112 -5.66 -23.99 4.91
N GLY B 113 -6.33 -23.01 4.31
CA GLY B 113 -7.32 -22.25 5.05
C GLY B 113 -8.58 -23.05 5.32
N SER B 114 -9.28 -22.68 6.39
CA SER B 114 -10.54 -23.29 6.75
C SER B 114 -11.74 -22.38 6.50
N GLY B 115 -11.51 -21.14 6.08
CA GLY B 115 -12.56 -20.16 5.92
C GLY B 115 -13.10 -20.09 4.50
N ALA B 116 -13.72 -18.95 4.19
CA ALA B 116 -14.30 -18.70 2.88
C ALA B 116 -13.20 -18.59 1.81
N GLU B 117 -13.60 -18.85 0.56
CA GLU B 117 -12.68 -18.90 -0.56
C GLU B 117 -12.54 -17.53 -1.22
N ALA B 118 -11.31 -17.16 -1.57
CA ALA B 118 -11.07 -15.90 -2.25
C ALA B 118 -11.42 -16.04 -3.74
N ARG B 119 -12.21 -15.12 -4.25
CA ARG B 119 -12.64 -15.16 -5.64
C ARG B 119 -12.45 -13.79 -6.28
N ALA B 120 -12.28 -13.80 -7.60
CA ALA B 120 -12.16 -12.54 -8.34
C ALA B 120 -13.37 -11.65 -8.07
N GLY B 121 -13.10 -10.36 -7.86
CA GLY B 121 -14.14 -9.40 -7.58
C GLY B 121 -14.31 -9.08 -6.11
N GLN B 122 -13.78 -9.91 -5.22
CA GLN B 122 -13.85 -9.63 -3.80
C GLN B 122 -12.75 -8.66 -3.40
N THR B 123 -13.06 -7.83 -2.39
CA THR B 123 -12.03 -7.03 -1.73
C THR B 123 -11.52 -7.88 -0.57
N VAL B 124 -10.35 -8.47 -0.75
CA VAL B 124 -9.77 -9.38 0.23
C VAL B 124 -8.72 -8.62 1.03
N SER B 125 -8.42 -9.13 2.22
CA SER B 125 -7.42 -8.57 3.11
C SER B 125 -6.38 -9.63 3.43
N VAL B 126 -5.09 -9.28 3.31
CA VAL B 126 -4.01 -10.23 3.51
C VAL B 126 -2.91 -9.61 4.34
N HIS B 127 -2.08 -10.48 4.92
CA HIS B 127 -0.74 -10.14 5.37
C HIS B 127 0.25 -10.77 4.40
N TYR B 128 1.36 -10.08 4.15
CA TYR B 128 2.30 -10.58 3.16
C TYR B 128 3.72 -10.21 3.54
N THR B 129 4.65 -11.04 3.08
CA THR B 129 6.07 -10.72 3.08
C THR B 129 6.59 -10.99 1.68
N GLY B 130 7.44 -10.11 1.19
CA GLY B 130 8.05 -10.24 -0.13
C GLY B 130 9.55 -10.34 -0.04
N TRP B 131 10.13 -11.25 -0.84
CA TRP B 131 11.57 -11.42 -0.93
C TRP B 131 12.01 -11.21 -2.38
N LEU B 132 13.22 -10.68 -2.54
CA LEU B 132 13.88 -10.61 -3.84
C LEU B 132 14.46 -11.96 -4.23
N THR B 133 14.93 -12.03 -5.48
CA THR B 133 15.48 -13.28 -6.01
C THR B 133 16.73 -13.71 -5.27
N ASP B 134 17.45 -12.78 -4.63
CA ASP B 134 18.62 -13.12 -3.83
C ASP B 134 18.27 -13.49 -2.39
N GLY B 135 16.98 -13.61 -2.06
CA GLY B 135 16.54 -14.03 -0.75
C GLY B 135 16.32 -12.92 0.26
N GLN B 136 16.67 -11.68 -0.08
CA GLN B 136 16.48 -10.56 0.84
C GLN B 136 15.03 -10.11 0.84
N LYS B 137 14.43 -10.04 2.03
CA LYS B 137 13.09 -9.48 2.16
C LYS B 137 13.12 -7.99 1.82
N PHE B 138 12.14 -7.53 1.03
CA PHE B 138 12.04 -6.12 0.69
C PHE B 138 10.83 -5.42 1.28
N ASP B 139 9.81 -6.15 1.73
CA ASP B 139 8.64 -5.52 2.32
C ASP B 139 7.83 -6.56 3.08
N SER B 140 7.10 -6.08 4.09
CA SER B 140 6.22 -6.93 4.88
C SER B 140 5.13 -6.06 5.49
N SER B 141 3.87 -6.45 5.26
CA SER B 141 2.77 -5.75 5.90
C SER B 141 2.79 -5.93 7.40
N LYS B 142 3.33 -7.06 7.87
CA LYS B 142 3.41 -7.29 9.31
C LYS B 142 4.35 -6.30 9.98
N ASP B 143 5.40 -5.85 9.29
CA ASP B 143 6.30 -4.86 9.85
C ASP B 143 5.59 -3.54 10.16
N ARG B 144 4.47 -3.27 9.50
CA ARG B 144 3.70 -2.07 9.73
C ARG B 144 2.43 -2.33 10.52
N ASN B 145 2.19 -3.58 10.93
CA ASN B 145 0.94 -3.98 11.57
C ASN B 145 -0.26 -3.49 10.76
N ASP B 146 -0.17 -3.67 9.44
CA ASP B 146 -1.14 -3.09 8.51
C ASP B 146 -1.55 -4.12 7.47
N PRO B 147 -2.67 -4.80 7.69
CA PRO B 147 -3.21 -5.69 6.64
C PRO B 147 -3.42 -4.92 5.35
N PHE B 148 -3.23 -5.64 4.24
CA PHE B 148 -3.30 -5.06 2.91
C PHE B 148 -4.55 -5.58 2.19
N ALA B 149 -5.38 -4.66 1.71
CA ALA B 149 -6.61 -5.00 1.00
C ALA B 149 -6.50 -4.57 -0.46
N PHE B 150 -7.08 -5.37 -1.35
CA PHE B 150 -7.13 -5.04 -2.76
C PHE B 150 -8.29 -5.80 -3.39
N VAL B 151 -8.73 -5.31 -4.55
CA VAL B 151 -9.79 -5.96 -5.29
C VAL B 151 -9.17 -7.11 -6.09
N LEU B 152 -9.48 -8.35 -5.70
CA LEU B 152 -8.87 -9.49 -6.35
C LEU B 152 -9.29 -9.53 -7.81
N GLY B 153 -8.31 -9.69 -8.70
CA GLY B 153 -8.59 -9.67 -10.12
C GLY B 153 -8.84 -8.29 -10.69
N GLY B 154 -8.64 -7.24 -9.92
CA GLY B 154 -8.98 -5.90 -10.33
C GLY B 154 -7.87 -5.12 -11.01
N GLY B 155 -6.70 -5.72 -11.20
CA GLY B 155 -5.58 -5.02 -11.80
C GLY B 155 -4.90 -3.99 -10.91
N MET B 156 -5.17 -3.99 -9.60
CA MET B 156 -4.52 -3.05 -8.70
C MET B 156 -3.17 -3.54 -8.21
N VAL B 157 -2.84 -4.81 -8.44
CA VAL B 157 -1.60 -5.42 -8.01
C VAL B 157 -0.95 -6.11 -9.20
N ILE B 158 0.27 -6.61 -8.98
CA ILE B 158 0.96 -7.33 -10.04
C ILE B 158 0.16 -8.58 -10.41
N LYS B 159 0.37 -9.04 -11.66
CA LYS B 159 -0.44 -10.14 -12.19
C LYS B 159 -0.33 -11.41 -11.38
N GLY B 160 0.85 -11.68 -10.80
CA GLY B 160 1.02 -12.89 -10.01
C GLY B 160 0.15 -12.95 -8.78
N TRP B 161 -0.18 -11.78 -8.21
CA TRP B 161 -1.07 -11.72 -7.06
C TRP B 161 -2.52 -11.93 -7.48
N ASP B 162 -2.96 -11.26 -8.54
CA ASP B 162 -4.32 -11.45 -9.02
C ASP B 162 -4.58 -12.91 -9.39
N GLU B 163 -3.56 -13.59 -9.92
CA GLU B 163 -3.71 -15.01 -10.26
C GLU B 163 -3.53 -15.90 -9.04
N GLY B 164 -2.54 -15.61 -8.19
CA GLY B 164 -2.15 -16.55 -7.15
C GLY B 164 -3.00 -16.54 -5.90
N VAL B 165 -3.63 -15.41 -5.59
CA VAL B 165 -4.46 -15.34 -4.39
C VAL B 165 -5.80 -16.04 -4.60
N GLN B 166 -6.29 -16.09 -5.83
CA GLN B 166 -7.54 -16.78 -6.12
C GLN B 166 -7.45 -18.24 -5.70
N GLY B 167 -8.53 -18.72 -5.08
CA GLY B 167 -8.61 -20.09 -4.62
C GLY B 167 -8.13 -20.32 -3.19
N MET B 168 -7.41 -19.35 -2.62
CA MET B 168 -7.05 -19.45 -1.20
C MET B 168 -8.30 -19.41 -0.34
N LYS B 169 -8.22 -20.06 0.81
CA LYS B 169 -9.28 -20.00 1.81
C LYS B 169 -8.81 -19.17 2.99
N VAL B 170 -9.76 -18.48 3.63
CA VAL B 170 -9.43 -17.62 4.76
C VAL B 170 -8.73 -18.45 5.83
N GLY B 171 -7.57 -17.96 6.29
CA GLY B 171 -6.71 -18.70 7.17
C GLY B 171 -5.54 -19.35 6.47
N GLY B 172 -5.53 -19.37 5.13
CA GLY B 172 -4.46 -20.04 4.42
C GLY B 172 -3.23 -19.18 4.27
N VAL B 173 -2.10 -19.85 4.11
CA VAL B 173 -0.82 -19.22 3.82
C VAL B 173 -0.28 -19.85 2.53
N ARG B 174 -0.06 -19.01 1.52
CA ARG B 174 0.38 -19.48 0.21
C ARG B 174 1.67 -18.78 -0.18
N ARG B 175 2.64 -19.54 -0.66
CA ARG B 175 3.90 -19.02 -1.14
C ARG B 175 3.81 -18.85 -2.65
N LEU B 176 3.97 -17.63 -3.14
CA LEU B 176 3.97 -17.35 -4.57
C LEU B 176 5.39 -17.11 -5.07
N THR B 177 5.75 -17.76 -6.16
CA THR B 177 6.99 -17.48 -6.88
C THR B 177 6.60 -16.87 -8.22
N ILE B 178 6.85 -15.57 -8.36
CA ILE B 178 6.29 -14.76 -9.43
C ILE B 178 7.41 -14.40 -10.40
N PRO B 179 7.36 -14.87 -11.65
CA PRO B 179 8.37 -14.49 -12.64
C PRO B 179 8.24 -13.02 -12.99
N PRO B 180 9.29 -12.42 -13.59
CA PRO B 180 9.25 -10.95 -13.79
C PRO B 180 8.07 -10.47 -14.62
N GLN B 181 7.68 -11.20 -15.66
CA GLN B 181 6.58 -10.73 -16.50
C GLN B 181 5.24 -10.77 -15.79
N LEU B 182 5.13 -11.46 -14.66
CA LEU B 182 3.95 -11.40 -13.81
C LEU B 182 4.18 -10.52 -12.59
N GLY B 183 5.34 -9.87 -12.51
CA GLY B 183 5.63 -8.93 -11.44
C GLY B 183 5.83 -7.53 -11.98
N TYR B 184 7.04 -6.99 -11.83
CA TYR B 184 7.36 -5.66 -12.30
C TYR B 184 8.22 -5.65 -13.57
N GLY B 185 8.50 -6.82 -14.14
CA GLY B 185 9.13 -6.90 -15.46
C GLY B 185 10.48 -6.22 -15.51
N ALA B 186 10.73 -5.56 -16.64
CA ALA B 186 12.00 -4.88 -16.86
C ALA B 186 12.17 -3.62 -16.05
N ARG B 187 11.10 -3.10 -15.45
CA ARG B 187 11.17 -1.80 -14.78
C ARG B 187 11.68 -1.92 -13.35
N GLY B 188 11.28 -2.94 -12.62
CA GLY B 188 11.49 -2.91 -11.19
C GLY B 188 10.51 -1.91 -10.59
N ALA B 189 10.74 -1.58 -9.31
CA ALA B 189 9.78 -0.74 -8.62
C ALA B 189 10.40 -0.16 -7.35
N GLY B 190 10.09 1.12 -7.09
CA GLY B 190 10.37 1.75 -5.82
C GLY B 190 11.82 1.88 -5.44
N GLY B 191 12.74 1.77 -6.40
CA GLY B 191 14.15 1.84 -6.07
C GLY B 191 14.63 0.75 -5.15
N VAL B 192 13.91 -0.36 -5.07
CA VAL B 192 14.30 -1.46 -4.20
C VAL B 192 14.14 -2.79 -4.92
N ILE B 193 13.07 -2.95 -5.68
CA ILE B 193 12.86 -4.13 -6.52
C ILE B 193 13.59 -3.90 -7.84
N PRO B 194 14.62 -4.66 -8.16
CA PRO B 194 15.42 -4.38 -9.35
C PRO B 194 14.72 -4.85 -10.61
N PRO B 195 15.22 -4.47 -11.79
CA PRO B 195 14.67 -5.02 -13.04
C PRO B 195 14.79 -6.54 -13.08
N ASN B 196 13.83 -7.17 -13.77
CA ASN B 196 13.88 -8.60 -14.08
C ASN B 196 13.88 -9.46 -12.81
N ALA B 197 13.19 -9.00 -11.77
CA ALA B 197 13.21 -9.69 -10.48
C ALA B 197 12.16 -10.79 -10.45
N THR B 198 12.59 -11.99 -10.09
CA THR B 198 11.66 -13.03 -9.66
C THR B 198 11.31 -12.76 -8.21
N LEU B 199 10.02 -12.63 -7.91
CA LEU B 199 9.58 -12.26 -6.58
C LEU B 199 8.98 -13.46 -5.87
N VAL B 200 9.23 -13.54 -4.56
CA VAL B 200 8.66 -14.58 -3.71
C VAL B 200 7.82 -13.87 -2.65
N PHE B 201 6.55 -14.23 -2.58
CA PHE B 201 5.64 -13.70 -1.57
C PHE B 201 5.07 -14.85 -0.76
N GLU B 202 4.96 -14.66 0.54
CA GLU B 202 4.11 -15.49 1.39
C GLU B 202 2.92 -14.65 1.81
N VAL B 203 1.72 -15.15 1.51
CA VAL B 203 0.48 -14.41 1.66
C VAL B 203 -0.42 -15.15 2.62
N GLU B 204 -0.88 -14.46 3.66
CA GLU B 204 -1.86 -15.00 4.60
C GLU B 204 -3.19 -14.31 4.36
N LEU B 205 -4.21 -15.08 3.97
CA LEU B 205 -5.52 -14.52 3.67
C LEU B 205 -6.31 -14.32 4.96
N LEU B 206 -6.63 -13.06 5.28
CA LEU B 206 -7.30 -12.70 6.52
C LEU B 206 -8.81 -12.60 6.37
N ASP B 207 -9.28 -12.07 5.24
CA ASP B 207 -10.70 -11.96 4.98
C ASP B 207 -10.92 -11.85 3.48
N VAL B 208 -12.14 -12.16 3.06
CA VAL B 208 -12.52 -12.04 1.65
C VAL B 208 -13.70 -11.09 1.49
C11 8ZV C . 2.87 4.61 -2.46
C16 8ZV C . -0.19 2.21 -5.53
C15 8ZV C . 0.93 2.44 -6.28
C14 8ZV C . 2.14 3.16 -5.74
C12 8ZV C . 3.37 3.94 -3.75
C17 8ZV C . -1.26 1.53 -6.10
C04 8ZV C . -0.99 5.92 -1.52
C05 8ZV C . -1.03 6.62 -0.16
C06 8ZV C . 0.32 7.29 0.13
C07 8ZV C . 0.65 8.32 -0.96
C08 8ZV C . 0.72 7.67 -2.36
C09 8ZV C . 1.99 6.86 -2.41
C19 8ZV C . -3.09 0.13 -5.25
C20 8ZV C . -3.49 -0.02 -3.80
C22 8ZV C . -4.96 -1.87 -3.29
C23 8ZV C . -1.19 1.10 -7.41
C24 8ZV C . -0.04 1.34 -8.16
C26 8ZV C . -0.90 -0.26 -9.82
C27 8ZV C . -0.13 -0.97 -10.90
C29 8ZV C . 1.84 -1.78 -9.75
C30 8ZV C . 1.03 2.00 -7.59
C33 8ZV C . -0.91 5.46 -4.87
C34 8ZV C . -1.73 5.24 -6.11
C35 8ZV C . -1.26 5.69 -7.34
C36 8ZV C . -2.01 5.49 -8.48
C37 8ZV C . -3.23 4.83 -8.42
C38 8ZV C . -3.69 4.37 -7.20
C39 8ZV C . -2.94 4.57 -6.05
N03 8ZV C . -0.52 6.88 -2.56
N13 8ZV C . 2.24 3.25 -4.40
O01 8ZV C . -2.94 6.95 -3.70
O10 8ZV C . 1.81 5.57 -2.80
O18 8ZV C . -2.35 1.36 -5.29
O21 8ZV C . -4.82 -0.56 -3.84
O25 8ZV C . -0.07 0.86 -9.44
O28 8ZV C . 0.52 -2.06 -10.26
O31 8ZV C . 2.97 3.65 -6.49
O32 8ZV C . 3.07 7.30 -2.14
O40 8ZV C . -0.85 8.33 -4.75
S02 8ZV C . -1.39 7.02 -4.03
C FMT D . 4.83 22.74 -10.17
O1 FMT D . 3.65 23.09 -10.17
O2 FMT D . 5.66 23.06 -9.32
C11 8ZV E . 0.87 -2.86 -5.18
C16 8ZV E . 4.55 0.13 -3.77
C15 8ZV E . 4.37 0.32 -5.12
C14 8ZV E . 3.33 -0.41 -5.92
C12 8ZV E . 1.17 -1.57 -5.93
C17 8ZV E . 5.54 0.85 -3.11
C04 8ZV E . 2.28 -5.00 -2.46
C05 8ZV E . 1.25 -6.09 -2.13
C06 8ZV E . 0.55 -6.59 -3.40
C07 8ZV E . 1.58 -7.10 -4.43
C08 8ZV E . 2.62 -6.02 -4.78
C09 8ZV E . 1.92 -4.97 -5.63
C19 8ZV E . 6.41 1.52 -0.92
C20 8ZV E . 7.03 0.64 0.14
C22 8ZV E . 5.14 -0.32 1.31
C23 8ZV E . 6.32 1.74 -3.80
C24 8ZV E . 6.13 1.92 -5.17
C26 8ZV E . 7.67 3.82 -4.96
C27 8ZV E . 6.74 5.02 -4.89
C29 8ZV E . 7.75 6.48 -3.25
C30 8ZV E . 5.15 1.21 -5.83
C33 8ZV E . 4.81 -3.31 -3.46
C34 8ZV E . 6.18 -2.72 -3.25
C35 8ZV E . 6.93 -2.33 -4.34
C36 8ZV E . 8.20 -1.80 -4.17
C37 8ZV E . 8.71 -1.68 -2.89
C38 8ZV E . 7.97 -2.08 -1.80
C39 8ZV E . 6.71 -2.60 -1.97
N03 8ZV E . 3.19 -5.53 -3.50
N13 8ZV E . 2.23 -0.85 -5.26
O01 8ZV E . 5.38 -5.59 -1.99
O10 8ZV E . 2.07 -3.70 -5.19
O18 8ZV E . 5.67 0.61 -1.77
O21 8ZV E . 6.14 0.70 1.26
O25 8ZV E . 6.95 2.84 -5.76
O28 8ZV E . 6.80 5.45 -3.52
O31 8ZV E . 3.47 -0.59 -7.13
O32 8ZV E . 1.31 -5.24 -6.61
O40 8ZV E . 5.54 -5.79 -4.69
S02 8ZV E . 4.86 -5.15 -3.41
MG MG F . -4.29 -1.59 5.71
#